data_8QSD
#
_entry.id   8QSD
#
_cell.length_a   148.277
_cell.length_b   63.621
_cell.length_c   73.294
_cell.angle_alpha   90.00
_cell.angle_beta   100.46
_cell.angle_gamma   90.00
#
_symmetry.space_group_name_H-M   'C 1 2 1'
#
loop_
_entity.id
_entity.type
_entity.pdbx_description
1 polymer '14-3-3 protein sigma'
2 polymer 'BRAF peptide pS365'
3 non-polymer 2-chloranyl-1-[8-(4-iodophenyl)sulfonyl-5-oxa-2,8-diazaspiro[3.5]nonan-2-yl]ethanone
4 non-polymer 'MAGNESIUM ION'
5 non-polymer 'CHLORIDE ION'
6 water water
#
loop_
_entity_poly.entity_id
_entity_poly.type
_entity_poly.pdbx_seq_one_letter_code
_entity_poly.pdbx_strand_id
1 'polypeptide(L)'
;GAMGSMERASLIQKAKLAEQAERYEDMAAFMKGAVEKGEELSCEERNLLSVAYKNVVGGQRAAWRVLSSIEQKSNEEGSE
EKGPEVREYREKVETELQGVCDTVLGLLDSHLIKEAGDAESRVFYLKMKGDYYRYLAEVATGDDKKRIIDSARSAYQEAM
DISKKEMPPTNPIRLGLALNFSVFHYEIANSPEEAISLAKTTFDEAMADLHTLSEDSYKDSTLIMQLLRDNLTLWT
;
A,J
2 'polypeptide(L)' DRSS(SEP)APNVH H,S
#
loop_
_chem_comp.id
_chem_comp.type
_chem_comp.name
_chem_comp.formula
CL non-polymer 'CHLORIDE ION' 'Cl -1'
MG non-polymer 'MAGNESIUM ION' 'Mg 2'
WQT non-polymer 2-chloranyl-1-[8-(4-iodophenyl)sulfonyl-5-oxa-2,8-diazaspiro[3.5]nonan-2-yl]ethanone 'C14 H16 Cl I N2 O4 S'
#
# COMPACT_ATOMS: atom_id res chain seq x y z
N GLY A 1 18.07 3.00 -17.31
CA GLY A 1 16.88 2.87 -16.48
C GLY A 1 15.67 3.50 -17.13
N ALA A 2 14.49 3.08 -16.66
CA ALA A 2 13.23 3.58 -17.20
C ALA A 2 13.05 5.08 -17.02
N MET A 3 13.80 5.70 -16.11
CA MET A 3 13.68 7.13 -15.83
C MET A 3 14.74 7.96 -16.52
N GLY A 4 15.63 7.33 -17.31
CA GLY A 4 16.77 8.03 -17.85
C GLY A 4 16.40 9.14 -18.82
N SER A 5 15.25 9.01 -19.47
CA SER A 5 14.83 9.96 -20.48
C SER A 5 14.01 11.12 -19.90
N MET A 6 13.71 11.11 -18.60
CA MET A 6 12.86 12.13 -18.01
C MET A 6 13.71 13.23 -17.40
N GLU A 7 13.24 14.46 -17.51
CA GLU A 7 13.95 15.59 -16.92
C GLU A 7 13.96 15.48 -15.40
N ARG A 8 15.05 15.97 -14.80
CA ARG A 8 15.17 15.97 -13.34
C ARG A 8 13.98 16.66 -12.70
N ALA A 9 13.61 17.84 -13.21
CA ALA A 9 12.52 18.60 -12.59
C ALA A 9 11.21 17.85 -12.65
N SER A 10 10.98 17.13 -13.74
CA SER A 10 9.76 16.35 -13.88
C SER A 10 9.76 15.16 -12.92
N LEU A 11 10.92 14.57 -12.66
CA LEU A 11 11.00 13.47 -11.71
C LEU A 11 10.65 13.93 -10.31
N ILE A 12 11.14 15.11 -9.92
CA ILE A 12 10.79 15.66 -8.61
C ILE A 12 9.30 15.99 -8.55
N GLN A 13 8.78 16.59 -9.62
CA GLN A 13 7.37 16.94 -9.65
C GLN A 13 6.49 15.72 -9.52
N LYS A 14 6.84 14.64 -10.23
CA LYS A 14 6.04 13.42 -10.18
C LYS A 14 6.23 12.70 -8.84
N ALA A 15 7.42 12.82 -8.24
CA ALA A 15 7.60 12.31 -6.90
C ALA A 15 6.62 12.95 -5.92
N LYS A 16 6.45 14.27 -6.01
CA LYS A 16 5.48 14.95 -5.14
C LYS A 16 4.05 14.50 -5.47
N LEU A 17 3.75 14.32 -6.76
CA LEU A 17 2.45 13.78 -7.14
C LEU A 17 2.25 12.39 -6.55
N ALA A 18 3.25 11.52 -6.68
CA ALA A 18 3.12 10.16 -6.13
C ALA A 18 2.95 10.17 -4.62
N GLU A 19 3.56 11.14 -3.95
CA GLU A 19 3.36 11.23 -2.52
C GLU A 19 1.91 11.62 -2.19
N GLN A 20 1.35 12.58 -2.92
CA GLN A 20 -0.06 12.93 -2.74
C GLN A 20 -0.97 11.76 -3.07
N ALA A 21 -0.59 10.93 -4.04
CA ALA A 21 -1.39 9.77 -4.39
C ALA A 21 -1.09 8.57 -3.51
N GLU A 22 -0.18 8.69 -2.54
CA GLU A 22 0.23 7.57 -1.67
C GLU A 22 0.70 6.39 -2.52
N ARG A 23 1.41 6.70 -3.60
CA ARG A 23 1.98 5.73 -4.51
C ARG A 23 3.49 5.69 -4.23
N TYR A 24 3.86 5.01 -3.13
CA TYR A 24 5.21 5.13 -2.58
C TYR A 24 6.24 4.37 -3.40
N GLU A 25 5.87 3.24 -3.98
CA GLU A 25 6.74 2.56 -4.94
C GLU A 25 7.09 3.46 -6.12
N ASP A 26 6.08 4.13 -6.68
CA ASP A 26 6.30 5.10 -7.75
C ASP A 26 7.20 6.23 -7.27
N MET A 27 6.87 6.80 -6.12
CA MET A 27 7.62 7.93 -5.57
C MET A 27 9.10 7.56 -5.43
N ALA A 28 9.39 6.34 -4.98
CA ALA A 28 10.77 5.91 -4.83
C ALA A 28 11.48 5.78 -6.17
N ALA A 29 10.81 5.16 -7.15
CA ALA A 29 11.36 5.06 -8.50
C ALA A 29 11.69 6.43 -9.09
N PHE A 30 10.78 7.40 -8.92
CA PHE A 30 11.01 8.75 -9.44
C PHE A 30 12.24 9.39 -8.76
N MET A 31 12.36 9.26 -7.43
CA MET A 31 13.49 9.88 -6.74
C MET A 31 14.80 9.17 -7.01
N LYS A 32 14.77 7.84 -7.17
CA LYS A 32 15.98 7.15 -7.63
C LYS A 32 16.41 7.71 -8.97
N GLY A 33 15.45 7.92 -9.88
CA GLY A 33 15.77 8.50 -11.17
C GLY A 33 16.34 9.91 -11.06
N ALA A 34 15.82 10.71 -10.13
CA ALA A 34 16.37 12.05 -9.92
C ALA A 34 17.77 12.01 -9.31
N VAL A 35 17.99 11.15 -8.32
CA VAL A 35 19.34 10.96 -7.74
C VAL A 35 20.34 10.63 -8.84
N GLU A 36 19.95 9.75 -9.76
CA GLU A 36 20.84 9.27 -10.80
C GLU A 36 21.19 10.34 -11.83
N LYS A 37 20.52 11.51 -11.81
CA LYS A 37 20.97 12.62 -12.65
C LYS A 37 22.30 13.17 -12.21
N GLY A 38 22.73 12.84 -10.99
CA GLY A 38 24.03 13.24 -10.52
C GLY A 38 24.10 14.62 -9.92
N GLU A 39 22.98 15.33 -9.79
CA GLU A 39 23.03 16.58 -9.07
C GLU A 39 22.67 16.35 -7.60
N GLU A 40 23.05 17.31 -6.76
CA GLU A 40 22.78 17.26 -5.32
C GLU A 40 21.30 17.41 -5.05
N LEU A 41 20.84 16.83 -3.95
CA LEU A 41 19.48 17.00 -3.50
C LEU A 41 19.42 18.06 -2.41
N SER A 42 18.41 18.93 -2.51
CA SER A 42 18.08 19.85 -1.44
C SER A 42 17.45 19.11 -0.26
N CYS A 43 17.32 19.82 0.86
CA CYS A 43 16.61 19.26 2.03
C CYS A 43 15.22 18.74 1.65
N GLU A 44 14.43 19.54 0.94
CA GLU A 44 13.08 19.10 0.56
C GLU A 44 13.12 17.84 -0.30
N GLU A 45 14.08 17.76 -1.22
CA GLU A 45 14.20 16.58 -2.07
C GLU A 45 14.72 15.38 -1.29
N ARG A 46 15.65 15.59 -0.35
CA ARG A 46 16.07 14.51 0.53
C ARG A 46 14.89 13.95 1.33
N ASN A 47 13.97 14.83 1.76
CA ASN A 47 12.79 14.36 2.48
C ASN A 47 11.93 13.50 1.58
N LEU A 48 11.77 13.91 0.32
CA LEU A 48 11.04 13.08 -0.65
C LEU A 48 11.67 11.71 -0.79
N LEU A 49 13.00 11.66 -0.94
CA LEU A 49 13.68 10.38 -1.08
C LEU A 49 13.48 9.52 0.16
N SER A 50 13.61 10.13 1.33
CA SER A 50 13.52 9.40 2.59
C SER A 50 12.11 8.86 2.82
N VAL A 51 11.11 9.73 2.65
CA VAL A 51 9.71 9.32 2.85
C VAL A 51 9.37 8.17 1.92
N ALA A 52 9.85 8.24 0.69
CA ALA A 52 9.50 7.25 -0.32
C ALA A 52 10.05 5.87 0.05
N TYR A 53 11.35 5.77 0.30
CA TYR A 53 11.91 4.44 0.57
C TYR A 53 11.52 3.92 1.95
N LYS A 54 11.33 4.79 2.93
CA LYS A 54 10.88 4.36 4.25
C LYS A 54 9.48 3.74 4.20
N ASN A 55 8.60 4.32 3.38
CA ASN A 55 7.27 3.73 3.21
C ASN A 55 7.34 2.35 2.57
N VAL A 56 8.17 2.20 1.52
CA VAL A 56 8.30 0.91 0.84
C VAL A 56 8.88 -0.14 1.78
N VAL A 57 10.06 0.14 2.36
CA VAL A 57 10.74 -0.82 3.20
C VAL A 57 9.99 -1.02 4.50
N GLY A 58 9.33 0.03 4.99
CA GLY A 58 8.58 -0.09 6.22
C GLY A 58 7.42 -1.07 6.07
N GLY A 59 6.77 -1.05 4.91
CA GLY A 59 5.74 -2.03 4.63
C GLY A 59 6.29 -3.44 4.52
N GLN A 60 7.48 -3.60 3.94
CA GLN A 60 8.07 -4.94 3.87
C GLN A 60 8.50 -5.43 5.25
N ARG A 61 9.04 -4.52 6.08
CA ARG A 61 9.43 -4.87 7.43
C ARG A 61 8.24 -5.34 8.25
N ALA A 62 7.14 -4.59 8.19
CA ALA A 62 5.93 -4.99 8.92
C ALA A 62 5.45 -6.36 8.44
N ALA A 63 5.41 -6.56 7.13
CA ALA A 63 5.01 -7.84 6.57
C ALA A 63 5.94 -8.97 7.03
N TRP A 64 7.25 -8.73 6.92
CA TRP A 64 8.23 -9.73 7.34
C TRP A 64 8.04 -10.10 8.81
N ARG A 65 7.75 -9.11 9.66
CA ARG A 65 7.49 -9.40 11.06
C ARG A 65 6.25 -10.28 11.24
N VAL A 66 5.15 -9.96 10.54
CA VAL A 66 3.95 -10.80 10.63
C VAL A 66 4.28 -12.23 10.22
N LEU A 67 4.93 -12.40 9.06
CA LEU A 67 5.23 -13.72 8.54
C LEU A 67 6.22 -14.46 9.44
N SER A 68 7.23 -13.76 9.94
CA SER A 68 8.21 -14.38 10.82
C SER A 68 7.56 -14.85 12.11
N SER A 69 6.58 -14.08 12.61
CA SER A 69 5.86 -14.47 13.81
C SER A 69 5.09 -15.77 13.60
N ILE A 70 4.35 -15.86 12.49
CA ILE A 70 3.63 -17.09 12.14
C ILE A 70 4.60 -18.26 12.01
N GLU A 71 5.78 -18.03 11.43
CA GLU A 71 6.78 -19.07 11.27
C GLU A 71 7.30 -19.59 12.61
N GLN A 72 7.40 -18.70 13.61
CA GLN A 72 7.89 -19.12 14.91
C GLN A 72 6.97 -20.15 15.55
N LYS A 73 5.67 -20.07 15.30
CA LYS A 73 4.72 -20.95 15.96
C LYS A 73 4.69 -22.38 15.44
N SER A 74 5.39 -22.76 14.37
CA SER A 74 5.59 -24.19 14.18
C SER A 74 6.77 -24.70 15.00
N ASN A 75 7.21 -23.98 16.05
CA ASN A 75 8.13 -24.52 17.06
C ASN A 75 7.41 -24.54 18.41
N GLU A 76 6.17 -24.06 18.41
CA GLU A 76 5.25 -24.13 19.54
C GLU A 76 4.57 -25.50 19.63
N LYS A 82 3.66 -27.86 9.06
CA LYS A 82 2.49 -27.44 8.29
C LYS A 82 2.89 -27.13 6.85
N GLY A 83 4.08 -27.59 6.47
CA GLY A 83 4.60 -27.42 5.13
C GLY A 83 5.57 -26.26 5.05
N PRO A 84 6.15 -26.05 3.87
CA PRO A 84 7.16 -24.99 3.72
C PRO A 84 6.61 -23.62 3.35
N GLU A 85 5.28 -23.48 3.25
CA GLU A 85 4.69 -22.29 2.63
C GLU A 85 4.94 -21.02 3.43
N VAL A 86 4.85 -21.10 4.77
CA VAL A 86 5.10 -19.91 5.57
C VAL A 86 6.55 -19.47 5.42
N ARG A 87 7.49 -20.42 5.47
CA ARG A 87 8.91 -20.09 5.28
C ARG A 87 9.18 -19.54 3.89
N GLU A 88 8.67 -20.23 2.86
CA GLU A 88 8.82 -19.79 1.47
C GLU A 88 8.34 -18.36 1.30
N TYR A 89 7.14 -18.06 1.78
CA TYR A 89 6.59 -16.72 1.57
C TYR A 89 7.36 -15.70 2.38
N ARG A 90 7.78 -16.07 3.59
CA ARG A 90 8.64 -15.20 4.37
C ARG A 90 9.94 -14.91 3.63
N GLU A 91 10.56 -15.95 3.05
CA GLU A 91 11.81 -15.77 2.31
C GLU A 91 11.63 -14.86 1.12
N LYS A 92 10.47 -14.93 0.47
CA LYS A 92 10.16 -14.08 -0.67
C LYS A 92 10.10 -12.62 -0.26
N VAL A 93 9.42 -12.31 0.86
CA VAL A 93 9.36 -10.93 1.31
C VAL A 93 10.73 -10.47 1.79
N GLU A 94 11.46 -11.35 2.49
CA GLU A 94 12.82 -11.06 2.91
C GLU A 94 13.70 -10.65 1.73
N THR A 95 13.64 -11.42 0.64
CA THR A 95 14.46 -11.15 -0.54
C THR A 95 14.11 -9.80 -1.15
N GLU A 96 12.81 -9.49 -1.21
CA GLU A 96 12.39 -8.19 -1.72
C GLU A 96 12.88 -7.07 -0.82
N LEU A 97 12.78 -7.24 0.51
CA LEU A 97 13.30 -6.24 1.43
C LEU A 97 14.80 -6.03 1.20
N GLN A 98 15.55 -7.12 1.07
CA GLN A 98 16.99 -7.00 0.87
C GLN A 98 17.30 -6.29 -0.45
N GLY A 99 16.53 -6.57 -1.50
CA GLY A 99 16.72 -5.87 -2.75
C GLY A 99 16.51 -4.38 -2.64
N VAL A 100 15.51 -3.95 -1.87
CA VAL A 100 15.26 -2.51 -1.75
C VAL A 100 16.35 -1.86 -0.93
N CYS A 101 16.81 -2.53 0.15
CA CYS A 101 17.90 -2.00 0.95
C CYS A 101 19.19 -1.91 0.14
N ASP A 102 19.50 -2.94 -0.64
CA ASP A 102 20.64 -2.90 -1.54
C ASP A 102 20.53 -1.74 -2.51
N THR A 103 19.32 -1.47 -2.99
CA THR A 103 19.08 -0.34 -3.90
C THR A 103 19.39 0.99 -3.21
N VAL A 104 18.90 1.19 -1.98
CA VAL A 104 19.15 2.46 -1.27
C VAL A 104 20.62 2.64 -0.96
N LEU A 105 21.28 1.57 -0.48
CA LEU A 105 22.71 1.63 -0.18
C LEU A 105 23.55 1.90 -1.41
N GLY A 106 23.19 1.32 -2.55
CA GLY A 106 23.93 1.58 -3.78
C GLY A 106 23.82 3.03 -4.23
N LEU A 107 22.61 3.60 -4.17
CA LEU A 107 22.44 5.02 -4.44
C LEU A 107 23.28 5.88 -3.51
N LEU A 108 23.22 5.57 -2.21
CA LEU A 108 23.99 6.32 -1.24
C LEU A 108 25.48 6.26 -1.58
N ASP A 109 25.99 5.06 -1.83
CA ASP A 109 27.40 4.90 -2.13
C ASP A 109 27.76 5.53 -3.48
N SER A 110 26.91 5.35 -4.49
CA SER A 110 27.33 5.73 -5.84
C SER A 110 27.16 7.22 -6.13
N HIS A 111 26.19 7.87 -5.51
CA HIS A 111 25.77 9.22 -5.86
C HIS A 111 25.71 10.19 -4.69
N LEU A 112 25.24 9.74 -3.52
CA LEU A 112 24.84 10.68 -2.48
C LEU A 112 25.91 10.96 -1.42
N ILE A 113 26.65 9.95 -0.97
CA ILE A 113 27.65 10.22 0.06
C ILE A 113 28.87 10.85 -0.63
N LYS A 114 29.25 12.05 -0.18
CA LYS A 114 30.39 12.75 -0.75
C LYS A 114 30.85 13.81 0.22
N GLU A 115 31.97 14.45 -0.12
CA GLU A 115 32.56 15.45 0.76
C GLU A 115 31.82 16.77 0.72
N ALA A 116 31.18 17.10 -0.39
CA ALA A 116 30.54 18.40 -0.56
C ALA A 116 29.22 18.47 0.22
N GLY A 117 28.66 19.67 0.28
CA GLY A 117 27.33 19.87 0.82
C GLY A 117 27.38 20.27 2.28
N ASP A 118 26.23 20.75 2.76
CA ASP A 118 26.22 21.18 4.15
C ASP A 118 26.14 19.95 5.05
N ALA A 119 26.26 20.19 6.36
CA ALA A 119 26.32 19.09 7.30
C ALA A 119 25.03 18.32 7.35
N GLU A 120 23.89 19.02 7.24
CA GLU A 120 22.61 18.33 7.17
C GLU A 120 22.61 17.29 6.06
N SER A 121 23.12 17.65 4.87
CA SER A 121 23.09 16.66 3.78
C SER A 121 23.98 15.47 4.14
N ARG A 122 25.24 15.75 4.50
CA ARG A 122 26.19 14.67 4.76
C ARG A 122 25.76 13.80 5.92
N VAL A 123 25.26 14.42 7.00
CA VAL A 123 24.78 13.65 8.14
C VAL A 123 23.56 12.84 7.74
N PHE A 124 22.66 13.43 6.94
CA PHE A 124 21.45 12.71 6.52
C PHE A 124 21.80 11.43 5.75
N TYR A 125 22.73 11.53 4.80
CA TYR A 125 23.05 10.38 3.96
C TYR A 125 23.76 9.27 4.72
N LEU A 126 24.67 9.62 5.65
CA LEU A 126 25.34 8.60 6.43
C LEU A 126 24.41 7.97 7.45
N LYS A 127 23.52 8.78 8.05
CA LYS A 127 22.44 8.23 8.87
C LYS A 127 21.60 7.24 8.08
N MET A 128 21.17 7.64 6.88
CA MET A 128 20.37 6.75 6.05
C MET A 128 21.10 5.45 5.74
N LYS A 129 22.41 5.54 5.47
CA LYS A 129 23.21 4.34 5.21
C LYS A 129 23.17 3.40 6.41
N GLY A 130 23.34 3.94 7.62
CA GLY A 130 23.21 3.13 8.82
C GLY A 130 21.83 2.51 8.98
N ASP A 131 20.78 3.27 8.68
CA ASP A 131 19.42 2.74 8.81
C ASP A 131 19.19 1.55 7.90
N TYR A 132 19.67 1.63 6.67
CA TYR A 132 19.37 0.55 5.73
C TYR A 132 20.28 -0.65 5.94
N TYR A 133 21.49 -0.44 6.48
CA TYR A 133 22.22 -1.60 6.97
C TYR A 133 21.51 -2.20 8.18
N ARG A 134 20.92 -1.34 9.02
CA ARG A 134 20.22 -1.85 10.19
C ARG A 134 19.02 -2.69 9.77
N TYR A 135 18.27 -2.24 8.76
CA TYR A 135 17.13 -3.02 8.29
C TYR A 135 17.58 -4.35 7.69
N LEU A 136 18.73 -4.36 6.99
CA LEU A 136 19.29 -5.63 6.53
C LEU A 136 19.64 -6.53 7.71
N ALA A 137 20.18 -5.94 8.77
CA ALA A 137 20.59 -6.74 9.92
C ALA A 137 19.41 -7.46 10.54
N GLU A 138 18.24 -6.82 10.53
CA GLU A 138 17.06 -7.39 11.17
C GLU A 138 16.68 -8.74 10.57
N VAL A 139 17.06 -9.01 9.32
CA VAL A 139 16.73 -10.26 8.65
C VAL A 139 17.95 -11.10 8.31
N ALA A 140 19.17 -10.62 8.59
CA ALA A 140 20.35 -11.38 8.20
C ALA A 140 20.60 -12.50 9.20
N THR A 141 21.23 -13.59 8.71
CA THR A 141 21.43 -14.82 9.55
C THR A 141 22.77 -15.49 9.25
N GLY A 142 23.83 -15.02 9.90
CA GLY A 142 25.10 -15.73 9.82
C GLY A 142 26.31 -14.85 9.58
N ASP A 143 27.31 -15.33 8.83
CA ASP A 143 28.51 -14.54 8.57
C ASP A 143 28.16 -13.29 7.77
N ASP A 144 27.07 -13.33 7.02
CA ASP A 144 26.55 -12.12 6.40
C ASP A 144 26.18 -11.08 7.45
N LYS A 145 25.54 -11.52 8.54
CA LYS A 145 24.98 -10.60 9.52
C LYS A 145 26.06 -9.81 10.26
N LYS A 146 27.15 -10.48 10.64
CA LYS A 146 28.20 -9.79 11.39
C LYS A 146 28.79 -8.65 10.57
N ARG A 147 28.99 -8.85 9.26
CA ARG A 147 29.49 -7.78 8.42
C ARG A 147 28.48 -6.63 8.35
N ILE A 148 27.20 -6.96 8.19
CA ILE A 148 26.18 -5.93 8.08
C ILE A 148 26.15 -5.06 9.34
N ILE A 149 26.26 -5.68 10.50
CA ILE A 149 26.24 -4.95 11.77
C ILE A 149 27.41 -3.97 11.87
N ASP A 150 28.61 -4.43 11.49
CA ASP A 150 29.77 -3.54 11.51
C ASP A 150 29.60 -2.37 10.54
N SER A 151 28.94 -2.62 9.40
CA SER A 151 28.76 -1.57 8.41
C SER A 151 27.79 -0.50 8.90
N ALA A 152 26.68 -0.94 9.50
CA ALA A 152 25.75 -0.01 10.14
C ALA A 152 26.45 0.83 11.19
N ARG A 153 27.22 0.18 12.06
CA ARG A 153 27.91 0.90 13.13
C ARG A 153 28.82 1.98 12.55
N SER A 154 29.62 1.62 11.54
CA SER A 154 30.58 2.56 10.97
C SER A 154 29.88 3.78 10.36
N ALA A 155 28.81 3.54 9.60
CA ALA A 155 28.03 4.63 9.02
C ALA A 155 27.48 5.56 10.10
N TYR A 156 26.85 5.00 11.14
CA TYR A 156 26.30 5.80 12.22
C TYR A 156 27.37 6.64 12.91
N GLN A 157 28.50 6.01 13.25
CA GLN A 157 29.57 6.73 13.94
C GLN A 157 30.08 7.89 13.09
N GLU A 158 30.37 7.62 11.82
CA GLU A 158 30.85 8.68 10.95
C GLU A 158 29.83 9.83 10.88
N ALA A 159 28.55 9.51 10.74
CA ALA A 159 27.51 10.54 10.82
C ALA A 159 27.55 11.24 12.18
N MET A 160 27.78 10.49 13.25
CA MET A 160 27.75 11.09 14.59
C MET A 160 28.89 12.10 14.76
N ASP A 161 30.08 11.77 14.25
CA ASP A 161 31.22 12.68 14.34
C ASP A 161 30.93 14.00 13.67
N ILE A 162 30.30 13.95 12.48
CA ILE A 162 30.00 15.16 11.72
C ILE A 162 29.01 16.03 12.49
N SER A 163 27.94 15.41 13.01
CA SER A 163 26.86 16.17 13.62
C SER A 163 27.33 16.86 14.88
N LYS A 164 28.22 16.21 15.64
CA LYS A 164 28.78 16.82 16.84
C LYS A 164 29.74 17.96 16.51
N LYS A 165 30.46 17.87 15.39
CA LYS A 165 31.36 18.97 15.05
C LYS A 165 30.62 20.11 14.35
N GLU A 166 29.54 19.83 13.62
CA GLU A 166 29.01 20.81 12.71
C GLU A 166 27.60 21.27 12.99
N MET A 167 26.92 20.71 13.98
CA MET A 167 25.51 21.04 14.17
C MET A 167 25.21 21.26 15.64
N PRO A 168 24.21 22.10 15.95
CA PRO A 168 23.86 22.31 17.37
C PRO A 168 23.14 21.10 17.93
N PRO A 169 23.16 20.92 19.26
CA PRO A 169 22.65 19.68 19.85
C PRO A 169 21.15 19.48 19.67
N THR A 170 20.42 20.47 19.18
CA THR A 170 18.99 20.37 18.97
C THR A 170 18.61 20.15 17.51
N ASN A 171 19.57 20.13 16.59
CA ASN A 171 19.26 19.98 15.18
C ASN A 171 18.46 18.69 14.97
N PRO A 172 17.30 18.76 14.31
CA PRO A 172 16.46 17.56 14.20
C PRO A 172 17.14 16.38 13.53
N ILE A 173 18.04 16.64 12.59
CA ILE A 173 18.76 15.55 11.93
C ILE A 173 19.76 14.91 12.88
N ARG A 174 20.46 15.74 13.67
CA ARG A 174 21.36 15.21 14.70
C ARG A 174 20.61 14.36 15.69
N LEU A 175 19.45 14.85 16.16
CA LEU A 175 18.65 14.10 17.12
C LEU A 175 18.17 12.78 16.53
N GLY A 176 17.61 12.83 15.32
CA GLY A 176 17.13 11.63 14.67
C GLY A 176 18.23 10.63 14.41
N LEU A 177 19.42 11.12 14.08
CA LEU A 177 20.57 10.24 13.96
C LEU A 177 20.87 9.57 15.30
N ALA A 178 20.94 10.37 16.37
CA ALA A 178 21.22 9.82 17.69
C ALA A 178 20.15 8.84 18.13
N LEU A 179 18.88 9.14 17.85
CA LEU A 179 17.81 8.23 18.23
C LEU A 179 17.98 6.89 17.54
N ASN A 180 18.19 6.89 16.22
CA ASN A 180 18.30 5.63 15.49
C ASN A 180 19.58 4.88 15.85
N PHE A 181 20.68 5.60 16.10
CA PHE A 181 21.91 4.92 16.50
C PHE A 181 21.70 4.19 17.82
N SER A 182 21.03 4.84 18.77
CA SER A 182 20.72 4.21 20.05
C SER A 182 19.80 3.00 19.87
N VAL A 183 18.86 3.09 18.92
CA VAL A 183 18.03 1.93 18.60
C VAL A 183 18.90 0.78 18.06
N PHE A 184 19.86 1.11 17.18
CA PHE A 184 20.78 0.11 16.67
C PHE A 184 21.50 -0.61 17.80
N HIS A 185 22.10 0.16 18.71
CA HIS A 185 22.81 -0.43 19.84
C HIS A 185 21.91 -1.42 20.61
N TYR A 186 20.66 -1.04 20.85
CA TYR A 186 19.80 -1.81 21.73
C TYR A 186 19.23 -3.03 21.02
N GLU A 187 18.65 -2.83 19.83
CA GLU A 187 17.91 -3.88 19.14
C GLU A 187 18.79 -4.77 18.26
N ILE A 188 19.95 -4.29 17.81
CA ILE A 188 20.76 -4.97 16.81
C ILE A 188 22.09 -5.44 17.39
N ALA A 189 22.80 -4.54 18.06
CA ALA A 189 24.16 -4.83 18.50
C ALA A 189 24.20 -5.40 19.90
N ASN A 190 23.04 -5.66 20.52
CA ASN A 190 22.94 -6.23 21.86
C ASN A 190 23.84 -5.47 22.84
N SER A 191 23.65 -4.16 22.88
CA SER A 191 24.46 -3.26 23.70
C SER A 191 23.56 -2.28 24.44
N PRO A 192 22.77 -2.77 25.41
CA PRO A 192 21.79 -1.88 26.06
C PRO A 192 22.40 -0.69 26.76
N GLU A 193 23.58 -0.86 27.37
CA GLU A 193 24.20 0.24 28.10
C GLU A 193 24.56 1.38 27.15
N GLU A 194 25.22 1.05 26.03
CA GLU A 194 25.53 2.05 25.02
C GLU A 194 24.29 2.79 24.56
N ALA A 195 23.16 2.06 24.42
CA ALA A 195 21.92 2.68 23.96
C ALA A 195 21.41 3.72 24.96
N ILE A 196 21.30 3.34 26.24
CA ILE A 196 20.79 4.27 27.24
C ILE A 196 21.71 5.48 27.35
N SER A 197 23.01 5.24 27.41
CA SER A 197 23.98 6.32 27.54
C SER A 197 23.89 7.30 26.38
N LEU A 198 23.88 6.79 25.14
CA LEU A 198 23.79 7.69 24.00
C LEU A 198 22.45 8.42 24.01
N ALA A 199 21.36 7.70 24.31
CA ALA A 199 20.06 8.33 24.35
C ALA A 199 20.00 9.40 25.43
N LYS A 200 20.51 9.10 26.61
CA LYS A 200 20.48 10.04 27.72
C LYS A 200 21.34 11.25 27.42
N THR A 201 22.59 11.03 27.02
CA THR A 201 23.47 12.15 26.70
C THR A 201 22.87 13.02 25.60
N THR A 202 22.29 12.40 24.58
CA THR A 202 21.66 13.20 23.52
C THR A 202 20.52 14.02 24.05
N PHE A 203 19.63 13.40 24.83
CA PHE A 203 18.51 14.11 25.43
C PHE A 203 19.02 15.22 26.35
N ASP A 204 19.97 14.89 27.22
CA ASP A 204 20.45 15.86 28.20
C ASP A 204 21.09 17.05 27.51
N GLU A 205 22.05 16.80 26.61
CA GLU A 205 22.75 17.89 25.94
C GLU A 205 21.81 18.73 25.08
N ALA A 206 20.76 18.12 24.54
CA ALA A 206 19.75 18.92 23.86
C ALA A 206 19.05 19.84 24.84
N MET A 207 18.63 19.29 25.99
CA MET A 207 17.94 20.08 27.00
C MET A 207 18.81 21.21 27.54
N ALA A 208 20.13 20.99 27.65
CA ALA A 208 21.00 22.06 28.14
C ALA A 208 21.27 23.12 27.09
N ASP A 209 21.04 22.85 25.83
CA ASP A 209 21.29 23.78 24.74
C ASP A 209 19.99 24.12 24.00
N LEU A 210 18.89 24.28 24.75
CA LEU A 210 17.60 24.52 24.11
C LEU A 210 17.58 25.83 23.33
N HIS A 211 18.41 26.80 23.70
CA HIS A 211 18.40 28.09 22.99
C HIS A 211 18.73 27.93 21.50
N THR A 212 19.38 26.82 21.10
CA THR A 212 19.74 26.64 19.69
C THR A 212 18.56 26.19 18.83
N LEU A 213 17.36 26.15 19.39
CA LEU A 213 16.20 25.69 18.65
C LEU A 213 15.77 26.75 17.64
N SER A 214 15.39 26.28 16.44
CA SER A 214 14.87 27.14 15.38
C SER A 214 13.38 26.88 15.25
N GLU A 215 12.59 27.96 15.13
CA GLU A 215 11.13 27.82 15.09
C GLU A 215 10.68 26.92 13.95
N ASP A 216 11.38 26.98 12.80
CA ASP A 216 11.00 26.17 11.65
C ASP A 216 11.27 24.68 11.84
N SER A 217 11.91 24.28 12.94
CA SER A 217 12.24 22.89 13.17
C SER A 217 12.01 22.47 14.62
N TYR A 218 11.49 23.37 15.46
CA TYR A 218 11.21 23.11 16.87
C TYR A 218 10.33 21.86 17.06
N LYS A 219 9.21 21.79 16.32
CA LYS A 219 8.31 20.64 16.42
C LYS A 219 9.03 19.32 16.12
N ASP A 220 9.80 19.30 15.02
CA ASP A 220 10.59 18.11 14.70
C ASP A 220 11.54 17.75 15.85
N SER A 221 12.30 18.74 16.35
CA SER A 221 13.27 18.47 17.40
C SER A 221 12.59 17.86 18.62
N THR A 222 11.48 18.44 19.04
CA THR A 222 10.82 18.00 20.26
C THR A 222 10.26 16.59 20.11
N LEU A 223 9.76 16.25 18.93
CA LEU A 223 9.21 14.91 18.73
C LEU A 223 10.29 13.85 18.92
N ILE A 224 11.50 14.10 18.40
CA ILE A 224 12.59 13.14 18.57
C ILE A 224 12.99 13.06 20.04
N MET A 225 13.04 14.21 20.72
CA MET A 225 13.36 14.21 22.15
C MET A 225 12.29 13.44 22.92
N GLN A 226 11.05 13.53 22.45
CA GLN A 226 9.92 12.93 23.15
C GLN A 226 10.16 11.42 23.10
N LEU A 227 10.58 10.98 21.90
CA LEU A 227 10.86 9.57 21.57
C LEU A 227 12.11 9.04 22.30
N LEU A 228 13.16 9.88 22.41
CA LEU A 228 14.28 9.48 23.23
C LEU A 228 13.81 9.17 24.65
N ARG A 229 12.93 10.02 25.20
CA ARG A 229 12.45 9.83 26.57
C ARG A 229 11.62 8.56 26.69
N ASP A 230 10.70 8.35 25.74
CA ASP A 230 9.95 7.10 25.70
C ASP A 230 10.89 5.90 25.67
N ASN A 231 11.95 5.98 24.86
CA ASN A 231 12.89 4.87 24.76
C ASN A 231 13.62 4.64 26.07
N LEU A 232 14.04 5.71 26.74
CA LEU A 232 14.69 5.56 28.03
C LEU A 232 13.73 4.99 29.05
N THR A 233 12.48 5.45 29.03
CA THR A 233 11.45 4.90 29.91
C THR A 233 11.25 3.41 29.65
N LEU A 234 11.34 2.99 28.39
CA LEU A 234 11.22 1.57 28.08
C LEU A 234 12.46 0.80 28.51
N TRP A 235 13.64 1.42 28.39
CA TRP A 235 14.88 0.71 28.60
C TRP A 235 15.36 0.70 30.04
N THR A 236 14.73 1.48 30.91
CA THR A 236 15.13 1.55 32.31
C THR A 236 13.98 1.21 33.25
N ARG B 2 8.98 -2.91 21.28
CA ARG B 2 10.07 -2.45 20.42
C ARG B 2 10.43 -0.99 20.68
N SER B 3 11.72 -0.67 20.57
CA SER B 3 12.19 0.71 20.64
C SER B 3 11.62 1.53 19.49
N SER B 4 11.58 2.85 19.69
CA SER B 4 11.09 3.75 18.65
C SER B 4 12.25 4.38 17.87
N SEP B 5 12.16 4.32 16.54
CA SEP B 5 13.14 4.99 15.69
CB SEP B 5 13.57 4.10 14.53
OG SEP B 5 12.46 3.75 13.72
C SEP B 5 12.52 6.29 15.18
O SEP B 5 11.37 6.59 15.49
P SEP B 5 12.86 2.71 12.54
O1P SEP B 5 14.00 3.37 11.59
O2P SEP B 5 13.46 1.39 13.20
O3P SEP B 5 11.58 2.46 11.59
N ALA B 6 13.29 7.07 14.42
CA ALA B 6 12.78 8.34 13.90
C ALA B 6 11.63 8.04 12.95
N PRO B 7 10.55 8.80 13.04
CA PRO B 7 9.36 8.50 12.24
C PRO B 7 9.45 9.07 10.84
N ASN B 8 8.60 8.52 9.96
CA ASN B 8 8.47 8.95 8.56
C ASN B 8 7.61 10.21 8.53
N VAL B 9 8.26 11.35 8.72
CA VAL B 9 7.59 12.65 8.88
C VAL B 9 7.49 13.40 7.56
N HIS B 10 6.37 14.12 7.40
CA HIS B 10 6.22 15.18 6.39
C HIS B 10 6.34 14.69 4.95
N GLY C 1 2.53 -18.90 -16.08
CA GLY C 1 2.46 -17.86 -15.08
C GLY C 1 3.53 -18.07 -14.01
N ALA C 2 3.87 -17.00 -13.29
CA ALA C 2 4.87 -17.11 -12.24
C ALA C 2 4.46 -18.08 -11.15
N MET C 3 3.17 -18.40 -11.05
CA MET C 3 2.65 -19.30 -10.05
C MET C 3 2.36 -20.70 -10.57
N GLY C 4 2.69 -20.98 -11.83
CA GLY C 4 2.29 -22.24 -12.44
C GLY C 4 2.90 -23.47 -11.79
N SER C 5 4.07 -23.33 -11.15
CA SER C 5 4.73 -24.49 -10.56
C SER C 5 4.28 -24.78 -9.13
N MET C 6 3.45 -23.93 -8.53
CA MET C 6 3.05 -24.10 -7.14
C MET C 6 1.70 -24.80 -7.04
N GLU C 7 1.57 -25.69 -6.07
CA GLU C 7 0.30 -26.41 -5.89
C GLU C 7 -0.81 -25.45 -5.51
N ARG C 8 -2.03 -25.78 -5.96
CA ARG C 8 -3.19 -24.96 -5.65
C ARG C 8 -3.34 -24.72 -4.15
N ALA C 9 -3.21 -25.79 -3.34
CA ALA C 9 -3.42 -25.66 -1.90
C ALA C 9 -2.43 -24.70 -1.28
N SER C 10 -1.18 -24.70 -1.77
CA SER C 10 -0.16 -23.76 -1.29
C SER C 10 -0.45 -22.35 -1.74
N LEU C 11 -1.01 -22.19 -2.93
CA LEU C 11 -1.39 -20.85 -3.40
C LEU C 11 -2.48 -20.26 -2.51
N ILE C 12 -3.47 -21.08 -2.14
CA ILE C 12 -4.52 -20.60 -1.24
C ILE C 12 -3.94 -20.26 0.12
N GLN C 13 -3.06 -21.12 0.63
CA GLN C 13 -2.42 -20.85 1.91
C GLN C 13 -1.62 -19.54 1.87
N LYS C 14 -0.91 -19.29 0.78
CA LYS C 14 -0.10 -18.07 0.66
C LYS C 14 -0.96 -16.83 0.46
N ALA C 15 -2.10 -16.98 -0.22
CA ALA C 15 -3.02 -15.86 -0.32
C ALA C 15 -3.51 -15.42 1.06
N LYS C 16 -3.82 -16.40 1.94
CA LYS C 16 -4.24 -16.08 3.30
C LYS C 16 -3.12 -15.43 4.11
N LEU C 17 -1.88 -15.92 3.98
CA LEU C 17 -0.77 -15.26 4.65
C LEU C 17 -0.61 -13.83 4.13
N ALA C 18 -0.68 -13.65 2.82
CA ALA C 18 -0.51 -12.33 2.24
C ALA C 18 -1.59 -11.38 2.75
N GLU C 19 -2.78 -11.88 3.00
CA GLU C 19 -3.81 -11.03 3.58
C GLU C 19 -3.45 -10.64 5.00
N GLN C 20 -2.98 -11.58 5.80
CA GLN C 20 -2.55 -11.24 7.15
C GLN C 20 -1.42 -10.22 7.12
N ALA C 21 -0.52 -10.29 6.13
CA ALA C 21 0.58 -9.35 6.00
C ALA C 21 0.19 -8.09 5.23
N GLU C 22 -1.07 -7.97 4.81
CA GLU C 22 -1.56 -6.83 4.03
C GLU C 22 -0.75 -6.64 2.74
N ARG C 23 -0.38 -7.74 2.12
CA ARG C 23 0.38 -7.73 0.88
C ARG C 23 -0.58 -8.10 -0.24
N TYR C 24 -1.41 -7.14 -0.63
CA TYR C 24 -2.56 -7.46 -1.47
C TYR C 24 -2.17 -7.73 -2.91
N GLU C 25 -1.12 -7.08 -3.42
CA GLU C 25 -0.58 -7.46 -4.73
C GLU C 25 -0.14 -8.92 -4.75
N ASP C 26 0.59 -9.35 -3.71
CA ASP C 26 0.93 -10.76 -3.57
C ASP C 26 -0.33 -11.64 -3.49
N MET C 27 -1.28 -11.24 -2.65
CA MET C 27 -2.51 -12.01 -2.48
C MET C 27 -3.21 -12.25 -3.80
N ALA C 28 -3.30 -11.20 -4.62
CA ALA C 28 -3.96 -11.31 -5.92
C ALA C 28 -3.18 -12.22 -6.85
N ALA C 29 -1.86 -12.06 -6.90
CA ALA C 29 -1.05 -12.98 -7.71
C ALA C 29 -1.27 -14.43 -7.28
N PHE C 30 -1.30 -14.69 -5.97
CA PHE C 30 -1.49 -16.05 -5.49
C PHE C 30 -2.87 -16.56 -5.92
N MET C 31 -3.89 -15.72 -5.79
CA MET C 31 -5.24 -16.16 -6.13
C MET C 31 -5.41 -16.31 -7.64
N LYS C 32 -4.75 -15.46 -8.44
CA LYS C 32 -4.75 -15.67 -9.89
C LYS C 32 -4.15 -17.02 -10.24
N GLY C 33 -3.02 -17.39 -9.61
CA GLY C 33 -2.45 -18.71 -9.83
C GLY C 33 -3.40 -19.83 -9.42
N ALA C 34 -4.16 -19.64 -8.35
CA ALA C 34 -5.11 -20.67 -7.95
C ALA C 34 -6.22 -20.83 -8.98
N VAL C 35 -6.79 -19.71 -9.43
CA VAL C 35 -7.83 -19.73 -10.46
C VAL C 35 -7.36 -20.49 -11.70
N GLU C 36 -6.11 -20.23 -12.12
CA GLU C 36 -5.60 -20.78 -13.36
C GLU C 36 -5.35 -22.28 -13.27
N LYS C 37 -5.45 -22.89 -12.08
CA LYS C 37 -5.46 -24.34 -12.04
C LYS C 37 -6.74 -24.91 -12.67
N GLY C 38 -7.78 -24.09 -12.83
CA GLY C 38 -8.96 -24.56 -13.52
C GLY C 38 -9.95 -25.29 -12.65
N GLU C 39 -9.72 -25.37 -11.35
CA GLU C 39 -10.69 -25.93 -10.43
C GLU C 39 -11.61 -24.83 -9.92
N GLU C 40 -12.78 -25.26 -9.41
CA GLU C 40 -13.75 -24.31 -8.88
C GLU C 40 -13.23 -23.67 -7.60
N LEU C 41 -13.68 -22.44 -7.34
CA LEU C 41 -13.37 -21.75 -6.10
C LEU C 41 -14.58 -21.86 -5.17
N SER C 42 -14.30 -22.15 -3.90
CA SER C 42 -15.32 -22.12 -2.86
C SER C 42 -15.74 -20.67 -2.56
N CYS C 43 -16.82 -20.54 -1.78
CA CYS C 43 -17.23 -19.21 -1.30
C CYS C 43 -16.05 -18.50 -0.61
N GLU C 44 -15.37 -19.20 0.31
CA GLU C 44 -14.26 -18.60 1.04
C GLU C 44 -13.12 -18.16 0.10
N GLU C 45 -12.84 -18.96 -0.92
CA GLU C 45 -11.76 -18.62 -1.85
C GLU C 45 -12.16 -17.46 -2.74
N ARG C 46 -13.42 -17.42 -3.14
CA ARG C 46 -13.94 -16.29 -3.91
C ARG C 46 -13.79 -14.99 -3.14
N ASN C 47 -14.00 -15.04 -1.83
CA ASN C 47 -13.81 -13.85 -1.01
C ASN C 47 -12.33 -13.42 -1.00
N LEU C 48 -11.40 -14.38 -0.92
CA LEU C 48 -9.98 -14.06 -1.02
C LEU C 48 -9.66 -13.40 -2.36
N LEU C 49 -10.17 -13.97 -3.45
CA LEU C 49 -9.96 -13.38 -4.77
C LEU C 49 -10.50 -11.95 -4.81
N SER C 50 -11.72 -11.77 -4.28
CA SER C 50 -12.39 -10.47 -4.31
C SER C 50 -11.67 -9.46 -3.43
N VAL C 51 -11.31 -9.85 -2.20
CA VAL C 51 -10.59 -8.93 -1.30
C VAL C 51 -9.26 -8.51 -1.91
N ALA C 52 -8.53 -9.43 -2.56
CA ALA C 52 -7.19 -9.12 -3.08
C ALA C 52 -7.26 -8.11 -4.22
N TYR C 53 -8.09 -8.38 -5.22
CA TYR C 53 -8.15 -7.44 -6.36
C TYR C 53 -8.86 -6.12 -6.01
N LYS C 54 -9.85 -6.12 -5.10
CA LYS C 54 -10.50 -4.86 -4.71
C LYS C 54 -9.51 -3.89 -4.05
N ASN C 55 -8.62 -4.40 -3.18
CA ASN C 55 -7.58 -3.61 -2.54
C ASN C 55 -6.59 -3.04 -3.54
N VAL C 56 -6.17 -3.88 -4.51
CA VAL C 56 -5.23 -3.44 -5.54
C VAL C 56 -5.87 -2.36 -6.40
N VAL C 57 -7.03 -2.67 -6.98
CA VAL C 57 -7.67 -1.71 -7.86
C VAL C 57 -8.22 -0.53 -7.06
N GLY C 58 -8.62 -0.76 -5.81
CA GLY C 58 -9.13 0.32 -4.99
C GLY C 58 -8.08 1.39 -4.75
N GLY C 59 -6.85 0.96 -4.47
CA GLY C 59 -5.75 1.91 -4.32
C GLY C 59 -5.43 2.65 -5.60
N GLN C 60 -5.57 1.98 -6.75
CA GLN C 60 -5.33 2.63 -8.04
C GLN C 60 -6.40 3.68 -8.34
N ARG C 61 -7.66 3.35 -8.03
CA ARG C 61 -8.78 4.27 -8.26
C ARG C 61 -8.63 5.52 -7.41
N ALA C 62 -8.29 5.34 -6.14
CA ALA C 62 -8.05 6.48 -5.26
C ALA C 62 -6.94 7.36 -5.81
N ALA C 63 -5.84 6.75 -6.25
CA ALA C 63 -4.72 7.47 -6.86
C ALA C 63 -5.16 8.18 -8.13
N TRP C 64 -5.87 7.47 -9.01
CA TRP C 64 -6.32 8.07 -10.27
C TRP C 64 -7.22 9.29 -9.99
N ARG C 65 -8.10 9.18 -9.00
CA ARG C 65 -8.96 10.30 -8.62
C ARG C 65 -8.16 11.49 -8.08
N VAL C 66 -7.17 11.24 -7.22
CA VAL C 66 -6.31 12.32 -6.72
C VAL C 66 -5.68 13.06 -7.90
N LEU C 67 -5.04 12.30 -8.79
CA LEU C 67 -4.30 12.89 -9.91
C LEU C 67 -5.24 13.54 -10.91
N SER C 68 -6.39 12.92 -11.19
CA SER C 68 -7.36 13.52 -12.10
C SER C 68 -7.89 14.84 -11.57
N SER C 69 -8.08 14.92 -10.24
CA SER C 69 -8.54 16.17 -9.64
C SER C 69 -7.51 17.28 -9.83
N ILE C 70 -6.24 16.99 -9.53
CA ILE C 70 -5.16 17.94 -9.77
C ILE C 70 -5.09 18.31 -11.25
N GLU C 71 -5.29 17.33 -12.14
CA GLU C 71 -5.24 17.60 -13.58
C GLU C 71 -6.35 18.55 -14.01
N GLN C 72 -7.56 18.37 -13.48
CA GLN C 72 -8.65 19.27 -13.84
C GLN C 72 -8.40 20.66 -13.28
N LYS C 73 -7.82 20.74 -12.07
CA LYS C 73 -7.50 22.01 -11.41
C LYS C 73 -6.28 22.71 -12.01
N SER C 74 -5.56 22.05 -12.91
CA SER C 74 -4.60 22.69 -13.79
C SER C 74 -5.22 23.19 -15.11
N ASN C 75 -6.57 23.25 -15.21
CA ASN C 75 -7.26 23.77 -16.40
C ASN C 75 -8.11 25.01 -16.14
N GLU C 76 -8.08 25.54 -14.91
CA GLU C 76 -8.75 26.80 -14.57
C GLU C 76 -7.90 27.97 -15.04
N LYS C 82 1.34 25.24 -16.55
CA LYS C 82 1.85 23.96 -16.09
C LYS C 82 2.33 23.10 -17.27
N GLY C 83 3.14 22.10 -16.95
CA GLY C 83 3.68 21.17 -17.92
C GLY C 83 2.83 19.91 -18.06
N PRO C 84 3.34 18.92 -18.79
CA PRO C 84 2.55 17.70 -19.04
C PRO C 84 2.63 16.66 -17.92
N GLU C 85 3.34 16.95 -16.83
CA GLU C 85 3.70 15.90 -15.90
C GLU C 85 2.49 15.27 -15.24
N VAL C 86 1.48 16.08 -14.87
CA VAL C 86 0.30 15.53 -14.21
C VAL C 86 -0.42 14.56 -15.14
N ARG C 87 -0.62 14.96 -16.39
CA ARG C 87 -1.31 14.09 -17.33
C ARG C 87 -0.54 12.78 -17.52
N GLU C 88 0.77 12.89 -17.73
CA GLU C 88 1.62 11.70 -17.87
C GLU C 88 1.47 10.77 -16.69
N TYR C 89 1.60 11.30 -15.46
CA TYR C 89 1.54 10.41 -14.31
C TYR C 89 0.13 9.85 -14.12
N ARG C 90 -0.90 10.66 -14.38
CA ARG C 90 -2.28 10.14 -14.36
C ARG C 90 -2.46 9.04 -15.38
N GLU C 91 -1.94 9.24 -16.60
CA GLU C 91 -2.03 8.22 -17.66
C GLU C 91 -1.28 6.95 -17.27
N LYS C 92 -0.17 7.10 -16.56
CA LYS C 92 0.59 5.94 -16.09
C LYS C 92 -0.22 5.12 -15.09
N VAL C 93 -0.87 5.78 -14.14
CA VAL C 93 -1.68 5.08 -13.17
C VAL C 93 -2.92 4.51 -13.83
N GLU C 94 -3.52 5.27 -14.73
CA GLU C 94 -4.67 4.80 -15.51
C GLU C 94 -4.32 3.51 -16.26
N THR C 95 -3.16 3.47 -16.91
CA THR C 95 -2.77 2.28 -17.68
C THR C 95 -2.61 1.07 -16.78
N GLU C 96 -2.03 1.27 -15.58
CA GLU C 96 -1.91 0.18 -14.62
C GLU C 96 -3.28 -0.30 -14.14
N LEU C 97 -4.19 0.63 -13.86
CA LEU C 97 -5.55 0.27 -13.42
C LEU C 97 -6.24 -0.60 -14.48
N GLN C 98 -6.14 -0.19 -15.74
CA GLN C 98 -6.74 -0.92 -16.84
C GLN C 98 -6.14 -2.31 -16.98
N GLY C 99 -4.83 -2.45 -16.76
CA GLY C 99 -4.22 -3.77 -16.77
C GLY C 99 -4.76 -4.71 -15.70
N VAL C 100 -5.01 -4.20 -14.50
CA VAL C 100 -5.52 -5.09 -13.46
C VAL C 100 -6.96 -5.50 -13.78
N CYS C 101 -7.77 -4.57 -14.28
CA CYS C 101 -9.14 -4.88 -14.67
C CYS C 101 -9.16 -5.90 -15.79
N ASP C 102 -8.31 -5.70 -16.81
CA ASP C 102 -8.20 -6.69 -17.89
C ASP C 102 -7.78 -8.05 -17.35
N THR C 103 -6.86 -8.07 -16.37
CA THR C 103 -6.50 -9.34 -15.76
C THR C 103 -7.71 -10.01 -15.08
N VAL C 104 -8.51 -9.23 -14.34
CA VAL C 104 -9.67 -9.81 -13.67
C VAL C 104 -10.69 -10.29 -14.70
N LEU C 105 -10.97 -9.45 -15.70
CA LEU C 105 -11.94 -9.83 -16.72
C LEU C 105 -11.49 -11.09 -17.44
N GLY C 106 -10.18 -11.22 -17.68
CA GLY C 106 -9.68 -12.42 -18.33
C GLY C 106 -9.85 -13.68 -17.50
N LEU C 107 -9.54 -13.60 -16.20
CA LEU C 107 -9.80 -14.72 -15.31
C LEU C 107 -11.28 -15.09 -15.32
N LEU C 108 -12.15 -14.09 -15.24
CA LEU C 108 -13.59 -14.35 -15.24
C LEU C 108 -14.01 -15.04 -16.53
N ASP C 109 -13.60 -14.47 -17.67
CA ASP C 109 -13.98 -15.06 -18.95
C ASP C 109 -13.36 -16.44 -19.14
N SER C 110 -12.09 -16.60 -18.76
CA SER C 110 -11.38 -17.83 -19.12
C SER C 110 -11.68 -18.98 -18.17
N HIS C 111 -11.90 -18.70 -16.90
CA HIS C 111 -11.94 -19.80 -15.92
C HIS C 111 -13.19 -19.81 -15.06
N LEU C 112 -13.67 -18.65 -14.63
CA LEU C 112 -14.64 -18.60 -13.54
C LEU C 112 -16.09 -18.55 -14.00
N ILE C 113 -16.42 -17.78 -15.04
CA ILE C 113 -17.81 -17.69 -15.47
C ILE C 113 -18.16 -18.95 -16.26
N LYS C 114 -19.25 -19.60 -15.87
CA LYS C 114 -19.67 -20.79 -16.58
C LYS C 114 -21.13 -21.05 -16.29
N GLU C 115 -21.71 -21.96 -17.06
CA GLU C 115 -23.13 -22.22 -16.91
C GLU C 115 -23.43 -23.10 -15.70
N ALA C 116 -22.50 -23.96 -15.32
CA ALA C 116 -22.71 -24.85 -14.20
C ALA C 116 -22.57 -24.09 -12.86
N GLY C 117 -22.91 -24.77 -11.77
CA GLY C 117 -22.60 -24.29 -10.43
C GLY C 117 -23.78 -23.65 -9.72
N ASP C 118 -23.56 -23.38 -8.43
CA ASP C 118 -24.65 -22.84 -7.63
C ASP C 118 -24.85 -21.36 -7.93
N ALA C 119 -25.94 -20.82 -7.39
CA ALA C 119 -26.33 -19.45 -7.67
C ALA C 119 -25.32 -18.46 -7.10
N GLU C 120 -24.82 -18.72 -5.89
CA GLU C 120 -23.84 -17.82 -5.30
C GLU C 120 -22.67 -17.58 -6.23
N SER C 121 -22.11 -18.68 -6.77
CA SER C 121 -20.93 -18.57 -7.62
C SER C 121 -21.24 -17.82 -8.91
N ARG C 122 -22.31 -18.19 -9.61
CA ARG C 122 -22.60 -17.56 -10.90
C ARG C 122 -22.91 -16.08 -10.76
N VAL C 123 -23.71 -15.72 -9.76
CA VAL C 123 -24.03 -14.31 -9.53
C VAL C 123 -22.77 -13.56 -9.11
N PHE C 124 -21.95 -14.16 -8.24
CA PHE C 124 -20.77 -13.43 -7.76
C PHE C 124 -19.83 -13.09 -8.91
N TYR C 125 -19.61 -14.03 -9.83
CA TYR C 125 -18.64 -13.78 -10.89
C TYR C 125 -19.16 -12.77 -11.88
N LEU C 126 -20.46 -12.82 -12.17
CA LEU C 126 -21.03 -11.88 -13.12
C LEU C 126 -21.10 -10.48 -12.54
N LYS C 127 -21.45 -10.38 -11.26
CA LYS C 127 -21.31 -9.10 -10.56
C LYS C 127 -19.88 -8.57 -10.68
N MET C 128 -18.89 -9.43 -10.44
CA MET C 128 -17.49 -9.01 -10.55
C MET C 128 -17.17 -8.52 -11.96
N LYS C 129 -17.69 -9.20 -12.98
CA LYS C 129 -17.49 -8.75 -14.35
C LYS C 129 -18.09 -7.37 -14.56
N GLY C 130 -19.33 -7.16 -14.09
CA GLY C 130 -19.91 -5.83 -14.14
C GLY C 130 -19.09 -4.80 -13.37
N ASP C 131 -18.61 -5.17 -12.18
CA ASP C 131 -17.81 -4.22 -11.38
C ASP C 131 -16.53 -3.83 -12.09
N TYR C 132 -15.81 -4.79 -12.68
CA TYR C 132 -14.53 -4.42 -13.27
C TYR C 132 -14.70 -3.77 -14.64
N TYR C 133 -15.82 -4.01 -15.36
CA TYR C 133 -16.13 -3.13 -16.48
C TYR C 133 -16.47 -1.71 -15.99
N ARG C 134 -17.11 -1.60 -14.83
CA ARG C 134 -17.40 -0.27 -14.28
C ARG C 134 -16.12 0.49 -13.93
N TYR C 135 -15.14 -0.19 -13.34
CA TYR C 135 -13.88 0.50 -13.02
C TYR C 135 -13.17 0.95 -14.29
N LEU C 136 -13.20 0.14 -15.35
CA LEU C 136 -12.68 0.59 -16.65
C LEU C 136 -13.47 1.79 -17.14
N ALA C 137 -14.80 1.77 -16.97
CA ALA C 137 -15.64 2.87 -17.42
C ALA C 137 -15.29 4.17 -16.72
N GLU C 138 -14.88 4.11 -15.45
CA GLU C 138 -14.56 5.32 -14.70
C GLU C 138 -13.44 6.14 -15.35
N VAL C 139 -12.54 5.49 -16.09
CA VAL C 139 -11.39 6.15 -16.70
C VAL C 139 -11.44 6.13 -18.22
N ALA C 140 -12.47 5.55 -18.82
CA ALA C 140 -12.55 5.47 -20.27
C ALA C 140 -13.10 6.77 -20.86
N THR C 141 -12.81 6.97 -22.14
CA THR C 141 -13.28 8.15 -22.89
C THR C 141 -13.74 7.70 -24.28
N GLY C 142 -14.67 8.45 -24.86
CA GLY C 142 -15.03 8.28 -26.27
C GLY C 142 -15.80 7.01 -26.60
N ASP C 143 -15.54 6.47 -27.80
CA ASP C 143 -16.24 5.25 -28.23
C ASP C 143 -15.84 4.05 -27.38
N ASP C 144 -14.62 4.06 -26.83
CA ASP C 144 -14.20 3.04 -25.88
C ASP C 144 -15.14 3.01 -24.66
N LYS C 145 -15.52 4.19 -24.16
CA LYS C 145 -16.34 4.24 -22.95
C LYS C 145 -17.73 3.68 -23.23
N LYS C 146 -18.28 3.97 -24.41
CA LYS C 146 -19.61 3.45 -24.74
C LYS C 146 -19.61 1.93 -24.79
N ARG C 147 -18.56 1.34 -25.37
CA ARG C 147 -18.48 -0.11 -25.47
C ARG C 147 -18.38 -0.74 -24.08
N ILE C 148 -17.56 -0.15 -23.22
CA ILE C 148 -17.35 -0.66 -21.87
C ILE C 148 -18.64 -0.62 -21.06
N ILE C 149 -19.38 0.49 -21.17
CA ILE C 149 -20.61 0.65 -20.41
C ILE C 149 -21.63 -0.40 -20.80
N ASP C 150 -21.75 -0.69 -22.11
CA ASP C 150 -22.65 -1.74 -22.57
C ASP C 150 -22.26 -3.09 -21.99
N SER C 151 -20.95 -3.33 -21.83
CA SER C 151 -20.46 -4.60 -21.32
C SER C 151 -20.77 -4.74 -19.84
N ALA C 152 -20.50 -3.70 -19.06
CA ALA C 152 -20.86 -3.72 -17.64
C ALA C 152 -22.34 -4.01 -17.49
N ARG C 153 -23.19 -3.29 -18.23
CA ARG C 153 -24.64 -3.43 -18.08
C ARG C 153 -25.09 -4.86 -18.33
N SER C 154 -24.64 -5.46 -19.45
CA SER C 154 -25.05 -6.82 -19.80
C SER C 154 -24.63 -7.80 -18.71
N ALA C 155 -23.39 -7.68 -18.25
CA ALA C 155 -22.93 -8.51 -17.15
C ALA C 155 -23.81 -8.34 -15.91
N TYR C 156 -24.07 -7.08 -15.52
CA TYR C 156 -24.89 -6.83 -14.34
C TYR C 156 -26.30 -7.39 -14.53
N GLN C 157 -26.91 -7.14 -15.69
CA GLN C 157 -28.27 -7.61 -15.92
C GLN C 157 -28.32 -9.12 -15.84
N GLU C 158 -27.36 -9.79 -16.47
CA GLU C 158 -27.32 -11.25 -16.42
C GLU C 158 -27.21 -11.74 -14.98
N ALA C 159 -26.38 -11.09 -14.16
CA ALA C 159 -26.33 -11.42 -12.75
C ALA C 159 -27.69 -11.17 -12.09
N MET C 160 -28.36 -10.07 -12.43
CA MET C 160 -29.62 -9.76 -11.77
C MET C 160 -30.67 -10.81 -12.08
N ASP C 161 -30.71 -11.26 -13.33
CA ASP C 161 -31.68 -12.27 -13.75
C ASP C 161 -31.55 -13.56 -12.95
N ILE C 162 -30.31 -14.01 -12.75
CA ILE C 162 -30.04 -15.19 -11.93
C ILE C 162 -30.41 -14.94 -10.48
N SER C 163 -30.02 -13.78 -9.93
CA SER C 163 -30.22 -13.55 -8.51
C SER C 163 -31.70 -13.46 -8.15
N LYS C 164 -32.51 -12.90 -9.04
CA LYS C 164 -33.93 -12.79 -8.74
C LYS C 164 -34.62 -14.15 -8.77
N LYS C 165 -34.16 -15.07 -9.63
CA LYS C 165 -34.77 -16.39 -9.74
C LYS C 165 -34.27 -17.37 -8.69
N GLU C 166 -33.00 -17.29 -8.29
CA GLU C 166 -32.35 -18.34 -7.50
C GLU C 166 -31.94 -17.91 -6.11
N MET C 167 -32.19 -16.65 -5.73
CA MET C 167 -31.73 -16.18 -4.43
C MET C 167 -32.84 -15.42 -3.74
N PRO C 168 -32.86 -15.42 -2.42
CA PRO C 168 -33.86 -14.66 -1.70
C PRO C 168 -33.48 -13.18 -1.66
N PRO C 169 -34.46 -12.29 -1.47
CA PRO C 169 -34.17 -10.86 -1.56
C PRO C 169 -33.24 -10.35 -0.47
N THR C 170 -32.94 -11.15 0.57
CA THR C 170 -32.04 -10.71 1.63
C THR C 170 -30.62 -11.22 1.43
N ASN C 171 -30.40 -12.05 0.42
CA ASN C 171 -29.08 -12.63 0.22
C ASN C 171 -28.05 -11.53 0.02
N PRO C 172 -26.96 -11.52 0.80
CA PRO C 172 -26.00 -10.41 0.69
C PRO C 172 -25.37 -10.28 -0.69
N ILE C 173 -25.21 -11.39 -1.41
CA ILE C 173 -24.63 -11.29 -2.75
C ILE C 173 -25.63 -10.67 -3.70
N ARG C 174 -26.91 -11.05 -3.59
CA ARG C 174 -27.95 -10.39 -4.36
C ARG C 174 -28.00 -8.90 -4.05
N LEU C 175 -27.94 -8.56 -2.76
CA LEU C 175 -28.02 -7.16 -2.34
C LEU C 175 -26.80 -6.36 -2.83
N GLY C 176 -25.60 -6.92 -2.65
CA GLY C 176 -24.41 -6.20 -3.08
C GLY C 176 -24.38 -5.98 -4.59
N LEU C 177 -24.90 -6.95 -5.33
CA LEU C 177 -25.02 -6.77 -6.78
C LEU C 177 -25.97 -5.64 -7.11
N ALA C 178 -27.16 -5.65 -6.51
CA ALA C 178 -28.14 -4.61 -6.82
C ALA C 178 -27.60 -3.23 -6.44
N LEU C 179 -26.90 -3.13 -5.32
CA LEU C 179 -26.30 -1.86 -4.91
C LEU C 179 -25.31 -1.39 -5.98
N ASN C 180 -24.41 -2.28 -6.42
CA ASN C 180 -23.41 -1.88 -7.39
C ASN C 180 -24.03 -1.57 -8.75
N PHE C 181 -25.06 -2.32 -9.16
CA PHE C 181 -25.77 -2.01 -10.40
C PHE C 181 -26.43 -0.64 -10.28
N SER C 182 -26.99 -0.34 -9.11
CA SER C 182 -27.59 0.98 -8.95
C SER C 182 -26.53 2.08 -9.03
N VAL C 183 -25.34 1.84 -8.46
CA VAL C 183 -24.24 2.80 -8.60
C VAL C 183 -23.84 2.96 -10.06
N PHE C 184 -23.79 1.85 -10.80
CA PHE C 184 -23.50 1.92 -12.24
C PHE C 184 -24.50 2.82 -12.96
N HIS C 185 -25.80 2.59 -12.76
CA HIS C 185 -26.83 3.41 -13.37
C HIS C 185 -26.59 4.89 -13.08
N TYR C 186 -26.29 5.22 -11.82
CA TYR C 186 -26.26 6.62 -11.39
C TYR C 186 -24.95 7.31 -11.79
N GLU C 187 -23.83 6.70 -11.47
CA GLU C 187 -22.53 7.33 -11.66
C GLU C 187 -21.95 7.13 -13.05
N ILE C 188 -22.33 6.08 -13.76
CA ILE C 188 -21.66 5.70 -14.99
C ILE C 188 -22.56 5.91 -16.19
N ALA C 189 -23.79 5.37 -16.13
CA ALA C 189 -24.66 5.37 -17.30
C ALA C 189 -25.60 6.57 -17.32
N ASN C 190 -25.48 7.50 -16.38
CA ASN C 190 -26.31 8.69 -16.34
C ASN C 190 -27.79 8.33 -16.47
N SER C 191 -28.24 7.46 -15.56
CA SER C 191 -29.63 7.04 -15.50
C SER C 191 -30.07 7.12 -14.04
N PRO C 192 -30.21 8.34 -13.52
CA PRO C 192 -30.53 8.46 -12.08
C PRO C 192 -31.84 7.81 -11.71
N GLU C 193 -32.83 7.89 -12.59
CA GLU C 193 -34.13 7.28 -12.32
C GLU C 193 -34.02 5.77 -12.23
N GLU C 194 -33.27 5.15 -13.16
CA GLU C 194 -33.02 3.72 -13.07
C GLU C 194 -32.34 3.36 -11.77
N ALA C 195 -31.35 4.16 -11.36
CA ALA C 195 -30.63 3.89 -10.12
C ALA C 195 -31.56 4.00 -8.92
N ILE C 196 -32.32 5.09 -8.84
CA ILE C 196 -33.20 5.31 -7.69
C ILE C 196 -34.23 4.20 -7.59
N SER C 197 -34.84 3.84 -8.73
CA SER C 197 -35.86 2.79 -8.73
C SER C 197 -35.29 1.46 -8.25
N LEU C 198 -34.13 1.07 -8.79
CA LEU C 198 -33.55 -0.22 -8.42
C LEU C 198 -33.18 -0.27 -6.94
N ALA C 199 -32.57 0.80 -6.41
CA ALA C 199 -32.24 0.81 -4.99
C ALA C 199 -33.49 0.71 -4.15
N LYS C 200 -34.55 1.43 -4.54
CA LYS C 200 -35.78 1.42 -3.76
C LYS C 200 -36.40 0.03 -3.71
N THR C 201 -36.57 -0.59 -4.88
CA THR C 201 -37.11 -1.94 -4.94
C THR C 201 -36.25 -2.93 -4.17
N THR C 202 -34.92 -2.81 -4.30
CA THR C 202 -34.03 -3.72 -3.60
C THR C 202 -34.17 -3.57 -2.09
N PHE C 203 -34.19 -2.32 -1.60
CA PHE C 203 -34.40 -2.11 -0.17
C PHE C 203 -35.74 -2.66 0.29
N ASP C 204 -36.81 -2.33 -0.43
CA ASP C 204 -38.16 -2.72 0.00
C ASP C 204 -38.30 -4.23 0.09
N GLU C 205 -37.87 -4.94 -0.95
CA GLU C 205 -38.02 -6.40 -0.93
C GLU C 205 -37.16 -7.05 0.14
N ALA C 206 -36.00 -6.47 0.46
CA ALA C 206 -35.22 -6.97 1.59
C ALA C 206 -35.92 -6.70 2.92
N MET C 207 -36.41 -5.46 3.10
CA MET C 207 -37.07 -5.09 4.34
C MET C 207 -38.31 -5.95 4.61
N ALA C 208 -39.02 -6.35 3.56
CA ALA C 208 -40.22 -7.17 3.73
C ALA C 208 -39.90 -8.59 4.14
N ASP C 209 -38.66 -9.04 3.98
CA ASP C 209 -38.28 -10.40 4.35
C ASP C 209 -37.24 -10.40 5.45
N LEU C 210 -37.06 -9.27 6.15
CA LEU C 210 -35.94 -9.17 7.08
C LEU C 210 -36.07 -10.13 8.26
N HIS C 211 -37.30 -10.44 8.67
CA HIS C 211 -37.53 -11.35 9.78
C HIS C 211 -36.97 -12.74 9.53
N THR C 212 -36.78 -13.12 8.27
CA THR C 212 -36.27 -14.44 7.91
C THR C 212 -34.75 -14.54 7.94
N LEU C 213 -34.07 -13.51 8.46
CA LEU C 213 -32.62 -13.40 8.33
C LEU C 213 -31.89 -14.48 9.09
N SER C 214 -30.76 -14.91 8.52
CA SER C 214 -29.91 -15.94 9.09
C SER C 214 -28.75 -15.29 9.85
N GLU C 215 -28.42 -15.87 11.01
CA GLU C 215 -27.37 -15.32 11.86
C GLU C 215 -26.06 -15.17 11.08
N ASP C 216 -25.80 -16.11 10.17
CA ASP C 216 -24.62 -16.07 9.33
C ASP C 216 -24.67 -14.94 8.30
N SER C 217 -25.79 -14.20 8.20
CA SER C 217 -25.91 -13.18 7.17
C SER C 217 -26.55 -11.87 7.62
N TYR C 218 -26.99 -11.74 8.88
CA TYR C 218 -27.67 -10.51 9.30
C TYR C 218 -26.79 -9.27 9.08
N LYS C 219 -25.53 -9.33 9.53
CA LYS C 219 -24.64 -8.17 9.45
C LYS C 219 -24.51 -7.65 8.01
N ASP C 220 -24.13 -8.54 7.09
CA ASP C 220 -23.94 -8.12 5.70
C ASP C 220 -25.21 -7.51 5.14
N SER C 221 -26.34 -8.20 5.31
CA SER C 221 -27.58 -7.73 4.70
C SER C 221 -27.93 -6.32 5.15
N THR C 222 -27.93 -6.08 6.46
CA THR C 222 -28.36 -4.79 6.97
C THR C 222 -27.42 -3.67 6.54
N LEU C 223 -26.11 -3.96 6.48
CA LEU C 223 -25.17 -2.94 6.04
C LEU C 223 -25.42 -2.54 4.58
N ILE C 224 -25.69 -3.53 3.72
CA ILE C 224 -25.94 -3.18 2.32
C ILE C 224 -27.22 -2.39 2.22
N MET C 225 -28.23 -2.77 3.00
CA MET C 225 -29.49 -2.04 3.05
C MET C 225 -29.28 -0.59 3.45
N GLN C 226 -28.43 -0.35 4.45
CA GLN C 226 -28.14 1.01 4.88
C GLN C 226 -27.43 1.79 3.79
N LEU C 227 -26.56 1.13 3.03
CA LEU C 227 -25.89 1.79 1.91
C LEU C 227 -26.87 2.16 0.81
N LEU C 228 -27.80 1.26 0.49
CA LEU C 228 -28.86 1.62 -0.44
C LEU C 228 -29.56 2.91 0.01
N ARG C 229 -29.91 2.97 1.30
CA ARG C 229 -30.64 4.12 1.80
C ARG C 229 -29.78 5.37 1.77
N ASP C 230 -28.50 5.22 2.13
CA ASP C 230 -27.55 6.32 2.04
C ASP C 230 -27.49 6.89 0.62
N ASN C 231 -27.42 6.02 -0.39
CA ASN C 231 -27.34 6.48 -1.76
C ASN C 231 -28.62 7.19 -2.18
N LEU C 232 -29.78 6.67 -1.75
CA LEU C 232 -31.05 7.30 -2.08
C LEU C 232 -31.17 8.68 -1.47
N THR C 233 -30.72 8.83 -0.22
CA THR C 233 -30.63 10.15 0.38
C THR C 233 -29.71 11.06 -0.44
N LEU C 234 -28.63 10.48 -0.97
CA LEU C 234 -27.70 11.27 -1.78
C LEU C 234 -28.31 11.65 -3.12
N TRP C 235 -29.09 10.75 -3.73
CA TRP C 235 -29.61 10.95 -5.07
C TRP C 235 -30.95 11.64 -5.11
N THR C 236 -31.64 11.77 -3.98
CA THR C 236 -32.95 12.42 -3.96
C THR C 236 -33.04 13.56 -2.96
N ASP D 1 -20.76 14.19 -2.96
CA ASP D 1 -20.35 12.85 -2.53
C ASP D 1 -20.48 11.81 -3.63
N ARG D 2 -19.57 10.84 -3.63
CA ARG D 2 -19.69 9.68 -4.51
C ARG D 2 -20.65 8.67 -3.92
N SER D 3 -21.41 8.00 -4.79
CA SER D 3 -22.25 6.90 -4.33
C SER D 3 -21.40 5.83 -3.68
N SER D 4 -22.00 5.10 -2.73
CA SER D 4 -21.25 4.03 -2.06
C SER D 4 -21.56 2.72 -2.76
N SEP D 5 -20.52 1.93 -3.03
CA SEP D 5 -20.68 0.60 -3.60
CB SEP D 5 -19.70 0.39 -4.76
OG SEP D 5 -18.38 0.54 -4.27
C SEP D 5 -20.43 -0.43 -2.49
O SEP D 5 -20.16 -0.06 -1.36
P SEP D 5 -17.26 0.47 -5.43
O1P SEP D 5 -15.86 0.59 -4.68
O2P SEP D 5 -17.34 -0.96 -6.19
O3P SEP D 5 -17.55 1.66 -6.48
N ALA D 6 -20.53 -1.71 -2.81
CA ALA D 6 -20.31 -2.72 -1.78
C ALA D 6 -18.89 -2.63 -1.24
N PRO D 7 -18.74 -2.76 0.07
CA PRO D 7 -17.42 -2.70 0.72
C PRO D 7 -16.75 -4.08 0.71
N ASN D 8 -15.49 -4.07 1.16
CA ASN D 8 -14.69 -5.29 1.34
C ASN D 8 -15.16 -6.06 2.57
N VAL D 9 -15.91 -7.15 2.37
CA VAL D 9 -16.33 -7.91 3.55
C VAL D 9 -15.20 -8.91 3.84
C4 WQT E . 14.88 15.28 6.40
C14 WQT E . 13.90 13.25 5.77
C5 WQT E . 14.84 16.81 6.24
C6 WQT E . 15.15 14.71 7.79
C11 WQT E . 13.47 14.40 11.90
C7 WQT E . 14.46 12.92 10.28
C8 WQT E . 13.33 12.14 10.29
C9 WQT E . 12.25 12.48 11.12
C10 WQT E . 12.33 13.60 11.93
C12 WQT E . 14.53 14.07 11.06
C13 WQT E . 14.17 12.60 7.10
N1 WQT E . 16.17 16.70 5.64
N2 WQT E . 15.32 13.24 7.75
C3 WQT E . 16.06 15.25 5.42
C1 WQT E . 17.10 17.60 5.36
C2 WQT E . 16.77 19.06 5.63
I1 WQT E . 10.69 14.13 13.18
O1 WQT E . 18.19 17.28 4.92
O2 WQT E . 15.83 11.13 8.91
O3 WQT E . 16.96 13.23 9.57
O4 WQT E . 13.72 14.66 5.89
S1 WQT E . 15.79 12.54 9.15
MG MG F . 16.54 -14.16 1.78
MG MG G . -1.16 -31.35 16.41
MG MG H . 18.29 17.88 -18.57
CL CL I . 4.87 9.24 -15.61
C4 WQT J . -18.27 -13.00 -1.11
C14 WQT J . -16.53 -11.56 -1.69
C5 WQT J . -18.64 -14.20 -0.22
C6 WQT J . -19.28 -11.89 -1.35
C11 WQT J . -19.72 -7.11 0.24
C7 WQT J . -20.24 -8.85 -1.34
C8 WQT J . -21.29 -9.25 -0.52
C9 WQT J . -21.55 -8.57 0.68
C10 WQT J . -20.77 -7.50 1.06
C12 WQT J . -19.45 -7.78 -0.95
C13 WQT J . -17.46 -10.39 -1.99
N1 WQT J . -18.80 -14.97 -1.48
N2 WQT J . -18.80 -10.92 -2.35
C3 WQT J . -18.07 -13.97 -2.28
C1 WQT J . -19.36 -16.12 -1.81
C2 WQT J . -19.92 -16.96 -0.68
I1 WQT J . -21.12 -6.47 2.91
O1 WQT J . -19.39 -16.48 -2.97
O2 WQT J . -19.12 -8.92 -3.74
O3 WQT J . -21.03 -10.44 -3.29
O4 WQT J . -17.04 -12.42 -0.68
S1 WQT J . -19.85 -9.76 -2.84
CL CL K . 6.35 -17.70 -2.06
MG MG L . -4.64 7.29 -21.81
MG MG M . -1.09 30.74 -11.46
MG MG N . -3.00 -29.61 -6.29
#